data_8S4D
#
_entry.id   8S4D
#
_cell.length_a   65.823
_cell.length_b   153.948
_cell.length_c   111.646
_cell.angle_alpha   90
_cell.angle_beta   90
_cell.angle_gamma   90
#
_symmetry.space_group_name_H-M   'C 2 2 21'
#
loop_
_entity.id
_entity.type
_entity.pdbx_description
1 polymer 'Apelin receptor,Soluble cytochrome b562'
2 non-polymer '(3~{S})-5-methyl-3-[[1-pentan-3-yl-2-(thiophen-2-ylmethyl)benzimidazol-5-yl]carbonylamino]hexanoic acid'
3 non-polymer 'OLEIC ACID'
4 non-polymer 'PENTAETHYLENE GLYCOL'
5 water water
#
_entity_poly.entity_id   1
_entity_poly.type   'polypeptide(L)'
_entity_poly.pdbx_seq_one_letter_code
;MKTIIALSYIFCLVFADYKDDDDKFDNYYGADNQSECEYTDWKSSGALIPAIYMLVFLLGTTGNGLVLWTVFRSSREKRR
SADIFIASLAVADLTFVVTLPLWAVYTYRDYDWPFGTFFCKLSSYLIFVAMYASVFCLTGLSFDRYLAIVRPVANARLRL
RVSGAVATAVLWVLAALLAMPVMVLRTTGDLENTNKVQCYMDYSMVATVSSEWAWEVGLGVSSTMVGFVVPLTIMLTCYF
FAAQTIADLEDNWETLNDNLKVIEKADNAAQVKDALTKMRAAALDAQKATPPKLEDKSPDSPEMKDFRHGFDILVGQIDD
ALKLANEGKVKEAQAAAEQLKTTRNAYIQKYLERIEGLRKRRRLLSIIVVLVVTFALCWMPYHLVKTLYMLGSLLHWPCD
FDLFLMNIFPYCTCIAYVNSCLNPFLYAFFDPRFRQACTSMLLMGQSRLEVLFQGPASAWSHPQFEKGSAGSAAGSASAW
SHPQFEKHHHHHHHHHH
;
_entity_poly.pdbx_strand_id   A
#
loop_
_chem_comp.id
_chem_comp.type
_chem_comp.name
_chem_comp.formula
1PE non-polymer 'PENTAETHYLENE GLYCOL' 'C10 H22 O6'
A1D5N non-polymer '(3~{S})-5-methyl-3-[[1-pentan-3-yl-2-(thiophen-2-ylmethyl)benzimidazol-5-yl]carbonylamino]hexanoic acid' 'C25 H33 N3 O3 S'
OLA non-polymer 'OLEIC ACID' 'C18 H34 O2'
#
# COMPACT_ATOMS: atom_id res chain seq x y z
N ALA A 47 25.75 11.03 -17.47
CA ALA A 47 25.15 10.94 -18.79
C ALA A 47 23.93 9.97 -18.85
N LEU A 48 23.95 8.91 -18.01
CA LEU A 48 22.84 7.96 -17.97
C LEU A 48 21.73 8.49 -17.07
N ILE A 49 22.09 8.91 -15.84
CA ILE A 49 21.19 9.44 -14.82
C ILE A 49 20.39 10.65 -15.32
N PRO A 50 20.96 11.69 -15.97
CA PRO A 50 20.12 12.80 -16.46
C PRO A 50 18.96 12.34 -17.36
N ALA A 51 19.19 11.32 -18.19
CA ALA A 51 18.14 10.81 -19.07
C ALA A 51 17.00 10.22 -18.26
N ILE A 52 17.33 9.45 -17.23
CA ILE A 52 16.33 8.84 -16.36
C ILE A 52 15.60 9.92 -15.58
N TYR A 53 16.33 10.92 -15.07
CA TYR A 53 15.74 12.05 -14.36
C TYR A 53 14.76 12.84 -15.24
N MET A 54 15.04 12.91 -16.53
CA MET A 54 14.18 13.59 -17.47
C MET A 54 12.97 12.76 -17.79
N LEU A 55 13.16 11.45 -17.98
CA LEU A 55 12.08 10.53 -18.26
C LEU A 55 11.07 10.51 -17.13
N VAL A 56 11.53 10.42 -15.84
CA VAL A 56 10.67 10.42 -14.65
C VAL A 56 9.99 11.77 -14.44
N PHE A 57 10.62 12.85 -14.89
CA PHE A 57 10.03 14.19 -14.82
C PHE A 57 8.78 14.25 -15.74
N LEU A 58 8.90 13.84 -17.01
CA LEU A 58 7.79 13.84 -17.97
C LEU A 58 6.69 12.91 -17.53
N LEU A 59 7.02 11.63 -17.22
CA LEU A 59 6.09 10.61 -16.73
C LEU A 59 5.40 11.03 -15.43
N GLY A 60 6.18 11.63 -14.54
CA GLY A 60 5.72 12.08 -13.24
C GLY A 60 4.73 13.21 -13.32
N THR A 61 5.06 14.28 -14.06
CA THR A 61 4.16 15.43 -14.13
C THR A 61 2.98 15.21 -15.06
N THR A 62 3.12 14.38 -16.11
CA THR A 62 1.99 14.13 -17.00
C THR A 62 1.01 13.15 -16.37
N GLY A 63 1.54 12.09 -15.76
CA GLY A 63 0.73 11.09 -15.07
C GLY A 63 0.01 11.65 -13.86
N ASN A 64 0.75 12.29 -12.93
CA ASN A 64 0.15 12.89 -11.74
C ASN A 64 -0.63 14.16 -12.05
N GLY A 65 -0.35 14.80 -13.18
CA GLY A 65 -1.11 15.96 -13.64
C GLY A 65 -2.49 15.52 -14.12
N LEU A 66 -2.56 14.35 -14.76
CA LEU A 66 -3.80 13.75 -15.24
C LEU A 66 -4.70 13.32 -14.06
N VAL A 67 -4.08 12.86 -12.94
CA VAL A 67 -4.80 12.42 -11.76
C VAL A 67 -5.49 13.60 -11.07
N LEU A 68 -4.79 14.75 -10.96
CA LEU A 68 -5.37 15.94 -10.34
C LEU A 68 -6.50 16.53 -11.18
N TRP A 69 -6.38 16.44 -12.52
CA TRP A 69 -7.39 16.90 -13.45
C TRP A 69 -8.68 16.12 -13.19
N THR A 70 -8.58 14.80 -12.99
CA THR A 70 -9.72 13.92 -12.73
C THR A 70 -10.38 14.19 -11.36
N VAL A 71 -9.59 14.12 -10.25
CA VAL A 71 -10.14 14.35 -8.90
C VAL A 71 -10.70 15.77 -8.72
N PHE A 72 -10.36 16.72 -9.62
CA PHE A 72 -10.90 18.06 -9.62
C PHE A 72 -11.73 18.29 -10.88
N ARG A 73 -12.59 17.30 -11.23
CA ARG A 73 -13.50 17.34 -12.37
C ARG A 73 -14.66 16.35 -12.16
N ARG A 80 -15.50 10.85 -2.16
CA ARG A 80 -15.20 9.65 -1.38
C ARG A 80 -14.28 9.94 -0.17
N SER A 81 -14.14 8.93 0.73
CA SER A 81 -13.35 9.04 1.96
C SER A 81 -11.83 9.04 1.68
N ALA A 82 -11.35 8.04 0.92
CA ALA A 82 -9.95 7.91 0.56
C ALA A 82 -9.56 8.73 -0.65
N ASP A 83 -10.38 9.70 -1.09
CA ASP A 83 -10.02 10.53 -2.23
C ASP A 83 -9.22 11.77 -1.86
N ILE A 84 -9.08 12.08 -0.54
CA ILE A 84 -8.23 13.17 -0.10
C ILE A 84 -6.79 12.70 -0.36
N PHE A 85 -6.45 11.49 0.14
CA PHE A 85 -5.16 10.85 0.00
C PHE A 85 -4.70 10.74 -1.42
N ILE A 86 -5.62 10.46 -2.36
CA ILE A 86 -5.31 10.31 -3.77
C ILE A 86 -4.83 11.65 -4.31
N ALA A 87 -5.59 12.72 -4.05
CA ALA A 87 -5.22 14.04 -4.52
C ALA A 87 -3.98 14.57 -3.81
N SER A 88 -3.74 14.19 -2.55
CA SER A 88 -2.53 14.61 -1.86
C SER A 88 -1.33 13.91 -2.48
N LEU A 89 -1.47 12.60 -2.80
CA LEU A 89 -0.43 11.80 -3.44
C LEU A 89 -0.11 12.39 -4.79
N ALA A 90 -1.14 12.80 -5.56
CA ALA A 90 -0.96 13.39 -6.88
C ALA A 90 -0.14 14.66 -6.80
N VAL A 91 -0.41 15.51 -5.77
CA VAL A 91 0.28 16.77 -5.60
C VAL A 91 1.65 16.61 -4.92
N ALA A 92 1.87 15.52 -4.14
CA ALA A 92 3.17 15.26 -3.51
C ALA A 92 4.11 14.70 -4.59
N ASP A 93 3.63 13.70 -5.40
CA ASP A 93 4.37 13.11 -6.51
C ASP A 93 4.75 14.21 -7.49
N LEU A 94 3.82 15.12 -7.77
CA LEU A 94 4.00 16.26 -8.67
C LEU A 94 5.10 17.25 -8.21
N THR A 95 5.14 17.62 -6.91
CA THR A 95 6.21 18.53 -6.44
C THR A 95 7.56 17.80 -6.37
N PHE A 96 7.53 16.48 -6.10
CA PHE A 96 8.68 15.60 -5.96
C PHE A 96 9.53 15.57 -7.23
N VAL A 97 8.88 15.49 -8.39
CA VAL A 97 9.61 15.41 -9.65
C VAL A 97 9.83 16.78 -10.32
N VAL A 98 9.03 17.80 -9.98
CA VAL A 98 9.04 19.13 -10.59
C VAL A 98 10.44 19.84 -10.64
N THR A 99 11.31 19.67 -9.63
CA THR A 99 12.64 20.29 -9.69
C THR A 99 13.72 19.36 -10.22
N LEU A 100 13.34 18.18 -10.75
CA LEU A 100 14.33 17.25 -11.29
C LEU A 100 15.11 17.79 -12.47
N PRO A 101 14.55 18.58 -13.43
CA PRO A 101 15.42 19.14 -14.48
C PRO A 101 16.66 19.88 -13.95
N LEU A 102 16.60 20.44 -12.71
CA LEU A 102 17.73 21.13 -12.08
C LEU A 102 18.84 20.12 -11.72
N TRP A 103 18.45 18.97 -11.14
CA TRP A 103 19.37 17.89 -10.79
C TRP A 103 19.79 17.07 -12.03
N ALA A 104 19.01 17.13 -13.10
CA ALA A 104 19.35 16.49 -14.35
C ALA A 104 20.44 17.35 -15.03
N VAL A 105 20.31 18.68 -14.97
CA VAL A 105 21.31 19.60 -15.51
C VAL A 105 22.61 19.52 -14.67
N TYR A 106 22.46 19.44 -13.32
CA TYR A 106 23.54 19.33 -12.33
C TYR A 106 24.36 18.04 -12.53
N THR A 107 23.69 16.89 -12.73
CA THR A 107 24.36 15.61 -12.96
C THR A 107 25.05 15.61 -14.34
N TYR A 108 24.44 16.25 -15.34
CA TYR A 108 25.01 16.36 -16.68
C TYR A 108 26.29 17.18 -16.62
N ARG A 109 26.30 18.27 -15.84
CA ARG A 109 27.47 19.14 -15.71
C ARG A 109 28.54 18.57 -14.77
N ASP A 110 28.57 17.22 -14.58
CA ASP A 110 29.54 16.51 -13.72
C ASP A 110 29.48 17.08 -12.33
N TYR A 111 28.27 17.23 -11.81
CA TYR A 111 28.06 17.77 -10.49
C TYR A 111 28.61 19.21 -10.34
N ASP A 112 27.98 20.17 -11.05
CA ASP A 112 28.25 21.62 -11.02
C ASP A 112 26.92 22.37 -11.02
N TRP A 113 26.51 22.86 -9.85
CA TRP A 113 25.24 23.54 -9.64
C TRP A 113 25.27 25.00 -10.12
N PRO A 114 24.60 25.32 -11.24
CA PRO A 114 24.59 26.70 -11.73
C PRO A 114 23.45 27.59 -11.21
N PHE A 115 22.49 27.03 -10.47
CA PHE A 115 21.30 27.77 -10.06
C PHE A 115 21.36 28.45 -8.69
N GLY A 116 22.55 28.60 -8.10
CA GLY A 116 22.69 29.32 -6.83
C GLY A 116 22.24 28.65 -5.55
N THR A 117 22.51 29.30 -4.40
CA THR A 117 22.17 28.72 -3.10
C THR A 117 20.66 28.70 -2.78
N PHE A 118 19.88 29.67 -3.29
CA PHE A 118 18.44 29.68 -3.02
C PHE A 118 17.70 28.55 -3.75
N PHE A 119 18.09 28.25 -5.00
CA PHE A 119 17.47 27.14 -5.72
C PHE A 119 18.02 25.79 -5.22
N CYS A 120 19.23 25.75 -4.65
CA CYS A 120 19.78 24.53 -4.06
C CYS A 120 18.96 24.20 -2.81
N LYS A 121 18.73 25.20 -1.91
CA LYS A 121 17.96 25.05 -0.66
C LYS A 121 16.49 24.75 -0.91
N LEU A 122 15.86 25.51 -1.82
CA LEU A 122 14.45 25.40 -2.18
C LEU A 122 14.12 24.09 -2.90
N SER A 123 14.92 23.73 -3.93
CA SER A 123 14.75 22.50 -4.68
C SER A 123 14.88 21.28 -3.76
N SER A 124 15.92 21.24 -2.92
CA SER A 124 16.10 20.12 -1.99
C SER A 124 14.98 20.05 -0.98
N TYR A 125 14.54 21.22 -0.45
CA TYR A 125 13.46 21.29 0.53
C TYR A 125 12.16 20.77 -0.05
N LEU A 126 11.74 21.25 -1.24
CA LEU A 126 10.52 20.77 -1.89
C LEU A 126 10.57 19.27 -2.14
N ILE A 127 11.74 18.74 -2.54
CA ILE A 127 11.87 17.31 -2.76
C ILE A 127 11.69 16.56 -1.42
N PHE A 128 12.45 16.94 -0.39
CA PHE A 128 12.35 16.30 0.91
C PHE A 128 10.96 16.35 1.54
N VAL A 129 10.17 17.45 1.36
CA VAL A 129 8.84 17.47 1.95
C VAL A 129 7.97 16.49 1.13
N ALA A 130 8.07 16.50 -0.21
CA ALA A 130 7.30 15.59 -1.06
C ALA A 130 7.58 14.14 -0.73
N MET A 131 8.87 13.83 -0.46
CA MET A 131 9.43 12.55 -0.06
C MET A 131 8.64 12.00 1.13
N TYR A 132 8.49 12.77 2.24
CA TYR A 132 7.72 12.36 3.42
C TYR A 132 6.22 12.43 3.19
N ALA A 133 5.68 13.56 2.66
CA ALA A 133 4.25 13.72 2.40
C ALA A 133 3.66 12.57 1.59
N SER A 134 4.31 12.14 0.49
CA SER A 134 3.82 11.03 -0.32
C SER A 134 3.91 9.66 0.40
N VAL A 135 4.88 9.49 1.30
CA VAL A 135 5.01 8.25 2.05
C VAL A 135 3.89 8.20 3.07
N PHE A 136 3.65 9.32 3.79
CA PHE A 136 2.60 9.45 4.80
C PHE A 136 1.20 9.33 4.17
N CYS A 137 1.04 9.80 2.91
CA CYS A 137 -0.21 9.71 2.16
C CYS A 137 -0.47 8.31 1.64
N LEU A 138 0.60 7.56 1.30
CA LEU A 138 0.49 6.17 0.91
C LEU A 138 0.06 5.38 2.14
N THR A 139 0.65 5.67 3.32
CA THR A 139 0.35 5.04 4.62
C THR A 139 -1.07 5.35 5.09
N GLY A 140 -1.53 6.58 4.83
CA GLY A 140 -2.89 7.00 5.17
C GLY A 140 -3.92 6.33 4.27
N LEU A 141 -3.56 6.13 2.99
CA LEU A 141 -4.41 5.46 2.01
C LEU A 141 -4.50 3.97 2.33
N SER A 142 -3.39 3.37 2.78
CA SER A 142 -3.33 1.98 3.19
C SER A 142 -4.11 1.78 4.50
N PHE A 143 -4.15 2.81 5.36
CA PHE A 143 -4.91 2.73 6.60
C PHE A 143 -6.41 2.94 6.34
N ASP A 144 -6.75 3.81 5.36
CA ASP A 144 -8.16 4.01 4.98
C ASP A 144 -8.73 2.77 4.30
N ARG A 145 -7.90 2.06 3.52
CA ARG A 145 -8.28 0.80 2.88
C ARG A 145 -8.42 -0.32 3.93
N TYR A 146 -7.64 -0.23 5.02
CA TYR A 146 -7.72 -1.13 6.14
C TYR A 146 -9.06 -0.93 6.83
N LEU A 147 -9.46 0.33 7.12
CA LEU A 147 -10.73 0.58 7.80
C LEU A 147 -11.92 0.17 6.95
N ALA A 148 -11.84 0.32 5.63
CA ALA A 148 -12.92 -0.09 4.73
C ALA A 148 -13.18 -1.64 4.75
N ILE A 149 -12.22 -2.42 5.27
CA ILE A 149 -12.33 -3.86 5.40
C ILE A 149 -12.90 -4.21 6.77
N VAL A 150 -12.39 -3.59 7.84
CA VAL A 150 -12.85 -3.89 9.19
C VAL A 150 -14.20 -3.21 9.56
N ARG A 151 -14.27 -1.86 9.50
CA ARG A 151 -15.41 -1.02 9.85
C ARG A 151 -16.45 -0.82 8.68
N PRO A 152 -17.60 -0.12 8.91
CA PRO A 152 -18.58 0.06 7.83
C PRO A 152 -18.22 1.21 6.89
N LEU A 158 -20.76 9.91 6.10
CA LEU A 158 -19.33 9.76 5.93
C LEU A 158 -18.52 10.78 6.76
N ARG A 159 -18.23 10.43 8.03
CA ARG A 159 -17.42 11.21 8.99
C ARG A 159 -15.91 11.12 8.59
N LEU A 160 -15.51 10.02 7.92
CA LEU A 160 -14.16 9.80 7.38
C LEU A 160 -13.78 10.86 6.34
N ARG A 161 -14.77 11.51 5.69
CA ARG A 161 -14.53 12.58 4.72
C ARG A 161 -13.93 13.81 5.44
N VAL A 162 -14.39 14.07 6.70
CA VAL A 162 -13.86 15.13 7.55
C VAL A 162 -12.51 14.68 8.10
N SER A 163 -12.45 13.48 8.72
CA SER A 163 -11.27 12.89 9.33
C SER A 163 -10.06 12.74 8.39
N GLY A 164 -10.30 12.34 7.15
CA GLY A 164 -9.24 12.20 6.18
C GLY A 164 -8.63 13.55 5.84
N ALA A 165 -9.47 14.59 5.77
CA ALA A 165 -9.00 15.95 5.49
C ALA A 165 -8.05 16.41 6.61
N VAL A 166 -8.42 16.16 7.87
CA VAL A 166 -7.60 16.48 9.04
C VAL A 166 -6.28 15.72 8.95
N ALA A 167 -6.32 14.39 8.73
CA ALA A 167 -5.13 13.53 8.60
C ALA A 167 -4.19 14.03 7.51
N THR A 168 -4.74 14.41 6.37
CA THR A 168 -3.96 14.94 5.27
C THR A 168 -3.35 16.29 5.65
N ALA A 169 -4.09 17.14 6.37
CA ALA A 169 -3.59 18.43 6.78
C ALA A 169 -2.41 18.26 7.74
N VAL A 170 -2.54 17.35 8.70
CA VAL A 170 -1.51 17.10 9.68
C VAL A 170 -0.25 16.60 9.02
N LEU A 171 -0.34 15.53 8.21
CA LEU A 171 0.84 14.99 7.54
CA LEU A 171 0.83 14.99 7.56
C LEU A 171 1.47 15.99 6.58
N TRP A 172 0.70 16.97 6.08
CA TRP A 172 1.26 17.97 5.17
C TRP A 172 2.06 19.01 5.96
N VAL A 173 1.66 19.32 7.20
CA VAL A 173 2.43 20.25 8.02
C VAL A 173 3.65 19.52 8.59
N LEU A 174 3.42 18.35 9.22
CA LEU A 174 4.48 17.50 9.77
C LEU A 174 5.59 17.23 8.73
N ALA A 175 5.23 17.07 7.43
CA ALA A 175 6.22 16.84 6.37
C ALA A 175 7.01 18.11 6.12
N ALA A 176 6.33 19.29 6.02
CA ALA A 176 7.01 20.57 5.81
C ALA A 176 7.88 20.97 6.98
N LEU A 177 7.72 20.36 8.17
CA LEU A 177 8.55 20.69 9.32
C LEU A 177 9.76 19.74 9.41
N LEU A 178 9.59 18.46 9.07
CA LEU A 178 10.70 17.51 9.10
C LEU A 178 11.72 17.81 7.99
N ALA A 179 11.24 18.35 6.86
CA ALA A 179 12.10 18.72 5.76
C ALA A 179 12.90 20.02 6.01
N MET A 180 12.57 20.77 7.09
CA MET A 180 13.22 22.03 7.49
C MET A 180 14.76 21.93 7.66
N PRO A 181 15.34 20.88 8.31
CA PRO A 181 16.82 20.80 8.38
C PRO A 181 17.52 20.78 7.03
N VAL A 182 16.86 20.27 5.96
CA VAL A 182 17.50 20.27 4.64
C VAL A 182 17.47 21.73 4.07
N MET A 183 16.37 22.46 4.30
CA MET A 183 16.28 23.87 3.88
C MET A 183 17.37 24.71 4.59
N VAL A 184 17.80 24.30 5.79
CA VAL A 184 18.80 25.01 6.58
C VAL A 184 20.26 24.65 6.21
N LEU A 185 20.61 23.36 6.17
CA LEU A 185 21.99 22.95 5.94
C LEU A 185 22.42 22.89 4.47
N ARG A 186 21.48 22.81 3.52
CA ARG A 186 21.82 22.77 2.10
C ARG A 186 22.56 24.03 1.70
N THR A 187 23.69 23.91 1.03
CA THR A 187 24.46 25.08 0.58
C THR A 187 25.29 24.76 -0.68
N THR A 188 25.78 25.80 -1.38
CA THR A 188 26.60 25.64 -2.58
C THR A 188 28.01 26.19 -2.40
N GLY A 189 29.00 25.35 -2.64
CA GLY A 189 30.40 25.73 -2.57
C GLY A 189 31.30 24.67 -3.17
N ASP A 190 32.55 25.02 -3.47
CA ASP A 190 33.50 24.07 -4.03
C ASP A 190 33.94 23.03 -3.00
N LEU A 191 33.18 21.94 -2.90
CA LEU A 191 33.48 20.87 -1.97
C LEU A 191 34.47 19.88 -2.57
N GLU A 192 35.53 19.61 -1.79
CA GLU A 192 36.63 18.68 -2.14
C GLU A 192 37.42 19.13 -3.41
N ASN A 193 37.50 20.47 -3.57
CA ASN A 193 38.26 21.31 -4.50
C ASN A 193 38.41 20.80 -5.95
N THR A 194 37.29 20.63 -6.68
CA THR A 194 37.38 20.23 -8.11
C THR A 194 37.23 21.44 -9.07
N ASN A 195 37.01 22.67 -8.52
CA ASN A 195 36.77 23.95 -9.22
C ASN A 195 35.31 24.14 -9.73
N LYS A 196 34.46 23.12 -9.50
CA LYS A 196 33.04 23.11 -9.83
C LYS A 196 32.27 23.22 -8.49
N VAL A 197 31.23 24.06 -8.45
CA VAL A 197 30.48 24.25 -7.22
C VAL A 197 29.38 23.18 -7.05
N GLN A 198 29.26 22.58 -5.85
CA GLN A 198 28.27 21.50 -5.63
C GLN A 198 27.14 21.92 -4.72
N CYS A 199 25.96 21.29 -4.86
CA CYS A 199 24.81 21.55 -4.01
C CYS A 199 24.77 20.40 -2.98
N TYR A 200 25.42 20.63 -1.81
CA TYR A 200 25.61 19.66 -0.72
C TYR A 200 25.01 20.09 0.60
N MET A 201 24.83 19.14 1.53
CA MET A 201 24.33 19.40 2.88
C MET A 201 25.52 19.66 3.80
N ASP A 202 25.70 20.89 4.26
CA ASP A 202 26.82 21.24 5.12
C ASP A 202 26.56 21.02 6.61
N TYR A 203 27.16 19.98 7.19
CA TYR A 203 27.00 19.74 8.64
C TYR A 203 27.94 20.60 9.52
N SER A 204 28.86 21.37 8.90
CA SER A 204 29.78 22.23 9.63
C SER A 204 29.09 23.42 10.30
N MET A 205 27.95 23.85 9.74
CA MET A 205 27.19 24.92 10.35
C MET A 205 26.45 24.47 11.62
N VAL A 206 26.42 23.15 11.95
CA VAL A 206 25.80 22.63 13.16
C VAL A 206 26.80 21.94 14.12
N ALA A 207 28.03 21.63 13.66
CA ALA A 207 28.98 20.92 14.52
C ALA A 207 30.47 21.12 14.11
N THR A 208 31.41 20.77 15.01
CA THR A 208 32.85 20.81 14.76
C THR A 208 33.27 19.63 13.82
N VAL A 209 34.56 19.47 13.51
CA VAL A 209 35.04 18.37 12.67
C VAL A 209 34.79 17.02 13.37
N SER A 210 35.10 16.94 14.68
CA SER A 210 34.92 15.73 15.48
C SER A 210 33.45 15.43 15.85
N SER A 211 32.49 16.12 15.23
CA SER A 211 31.08 15.95 15.59
C SER A 211 30.12 15.88 14.40
N GLU A 212 30.59 16.18 13.17
CA GLU A 212 29.74 16.17 11.99
C GLU A 212 29.04 14.83 11.76
N TRP A 213 29.65 13.73 12.23
CA TRP A 213 29.09 12.39 12.14
C TRP A 213 27.79 12.25 12.96
N ALA A 214 27.75 12.77 14.21
CA ALA A 214 26.57 12.69 15.09
C ALA A 214 25.36 13.41 14.53
N TRP A 215 25.58 14.40 13.66
CA TRP A 215 24.50 15.13 13.01
C TRP A 215 24.09 14.36 11.78
N GLU A 216 25.08 13.93 10.95
CA GLU A 216 24.88 13.13 9.74
C GLU A 216 24.08 11.86 10.06
N VAL A 217 24.43 11.20 11.15
CA VAL A 217 23.79 9.98 11.62
C VAL A 217 22.47 10.32 12.29
N GLY A 218 22.46 11.33 13.14
CA GLY A 218 21.25 11.75 13.82
C GLY A 218 20.07 12.03 12.90
N LEU A 219 20.29 12.93 11.92
CA LEU A 219 19.30 13.32 10.91
C LEU A 219 19.03 12.20 9.90
N GLY A 220 20.06 11.45 9.53
CA GLY A 220 19.95 10.36 8.59
C GLY A 220 19.08 9.23 9.12
N VAL A 221 19.29 8.83 10.39
CA VAL A 221 18.51 7.77 11.06
C VAL A 221 17.05 8.22 11.28
N SER A 222 16.86 9.50 11.58
CA SER A 222 15.53 10.07 11.75
C SER A 222 14.80 10.06 10.39
N SER A 223 15.51 10.34 9.30
CA SER A 223 14.93 10.38 7.96
C SER A 223 14.43 9.04 7.50
N THR A 224 15.15 7.97 7.85
CA THR A 224 14.82 6.57 7.50
C THR A 224 13.75 6.00 8.44
N MET A 225 13.78 6.45 9.70
CA MET A 225 12.84 6.01 10.70
C MET A 225 11.43 6.49 10.40
N VAL A 226 11.29 7.77 10.08
CA VAL A 226 10.04 8.43 9.73
C VAL A 226 9.67 8.25 8.22
N GLY A 227 10.68 8.18 7.35
CA GLY A 227 10.45 8.04 5.92
C GLY A 227 10.36 6.61 5.43
N PHE A 228 10.60 5.61 6.32
CA PHE A 228 10.54 4.22 5.87
C PHE A 228 10.10 3.24 6.93
N VAL A 229 10.84 3.13 8.06
CA VAL A 229 10.55 2.11 9.06
C VAL A 229 9.13 2.25 9.65
N VAL A 230 8.79 3.39 10.23
CA VAL A 230 7.48 3.60 10.81
C VAL A 230 6.32 3.42 9.78
N PRO A 231 6.30 4.07 8.59
CA PRO A 231 5.20 3.81 7.64
C PRO A 231 5.08 2.36 7.18
N LEU A 232 6.21 1.69 6.91
CA LEU A 232 6.19 0.27 6.50
C LEU A 232 5.69 -0.65 7.63
N THR A 233 5.98 -0.29 8.88
CA THR A 233 5.49 -1.01 10.04
C THR A 233 3.97 -0.79 10.20
N ILE A 234 3.46 0.41 9.86
CA ILE A 234 2.03 0.69 9.91
C ILE A 234 1.32 0.00 8.73
N MET A 235 1.93 0.00 7.54
CA MET A 235 1.33 -0.63 6.38
C MET A 235 1.35 -2.15 6.46
N LEU A 236 2.34 -2.72 7.17
CA LEU A 236 2.40 -4.17 7.33
C LEU A 236 1.40 -4.63 8.36
N THR A 237 1.26 -3.89 9.46
CA THR A 237 0.25 -4.18 10.49
C THR A 237 -1.16 -4.17 9.84
N CYS A 238 -1.45 -3.16 9.01
CA CYS A 238 -2.70 -3.02 8.26
C CYS A 238 -2.93 -4.24 7.38
N TYR A 239 -1.90 -4.71 6.69
CA TYR A 239 -2.04 -5.88 5.85
C TYR A 239 -2.32 -7.12 6.70
N PHE A 240 -1.51 -7.37 7.72
CA PHE A 240 -1.64 -8.55 8.58
C PHE A 240 -2.99 -8.68 9.29
N PHE A 241 -3.61 -7.56 9.65
CA PHE A 241 -4.89 -7.60 10.33
C PHE A 241 -6.02 -7.86 9.34
N ALA A 242 -6.04 -7.10 8.22
CA ALA A 242 -7.07 -7.21 7.16
C ALA A 242 -7.04 -8.54 6.46
N ALA A 243 -5.84 -9.06 6.15
CA ALA A 243 -5.71 -10.37 5.51
C ALA A 243 -6.27 -11.47 6.39
N GLN A 244 -6.08 -11.35 7.72
CA GLN A 244 -6.60 -12.30 8.69
C GLN A 244 -8.12 -12.28 8.66
N THR A 245 -8.74 -11.08 8.76
CA THR A 245 -10.20 -10.88 8.73
C THR A 245 -10.86 -11.43 7.46
N ILE A 246 -10.25 -11.16 6.30
CA ILE A 246 -10.76 -11.65 5.02
C ILE A 246 -10.62 -13.16 4.99
N ALA A 247 -9.46 -13.68 5.41
CA ALA A 247 -9.27 -15.12 5.45
C ALA A 247 -10.12 -15.84 6.50
N ASP A 248 -11.04 -15.15 7.19
CA ASP A 248 -11.94 -15.79 8.14
C ASP A 248 -13.22 -16.18 7.38
N LEU A 249 -13.75 -15.25 6.57
CA LEU A 249 -14.96 -15.50 5.77
C LEU A 249 -14.67 -16.59 4.73
N GLU A 250 -13.53 -16.46 4.04
CA GLU A 250 -13.13 -17.40 3.00
C GLU A 250 -12.86 -18.77 3.54
N ASP A 251 -12.39 -18.90 4.79
CA ASP A 251 -12.09 -20.21 5.36
C ASP A 251 -13.35 -21.06 5.46
N ASN A 252 -14.47 -20.45 5.87
CA ASN A 252 -15.71 -21.17 6.00
C ASN A 252 -16.29 -21.57 4.65
N TRP A 253 -16.11 -20.73 3.62
CA TRP A 253 -16.61 -21.08 2.30
C TRP A 253 -15.70 -22.11 1.62
N GLU A 254 -14.36 -22.08 1.90
CA GLU A 254 -13.43 -23.08 1.36
C GLU A 254 -13.77 -24.43 1.98
N THR A 255 -13.99 -24.48 3.30
CA THR A 255 -14.33 -25.69 4.03
C THR A 255 -15.58 -26.35 3.44
N LEU A 256 -16.59 -25.54 3.11
CA LEU A 256 -17.83 -26.02 2.52
C LEU A 256 -17.58 -26.67 1.17
N ASN A 257 -16.84 -26.00 0.28
CA ASN A 257 -16.54 -26.53 -1.06
C ASN A 257 -15.62 -27.76 -1.03
N ASP A 258 -14.55 -27.72 -0.22
CA ASP A 258 -13.61 -28.82 -0.12
C ASP A 258 -14.30 -30.09 0.36
N ASN A 259 -15.12 -29.96 1.41
CA ASN A 259 -15.82 -31.10 1.98
C ASN A 259 -16.94 -31.61 1.09
N LEU A 260 -17.51 -30.76 0.20
CA LEU A 260 -18.49 -31.27 -0.74
C LEU A 260 -17.79 -32.17 -1.76
N LYS A 261 -16.54 -31.86 -2.14
CA LYS A 261 -15.78 -32.71 -3.04
C LYS A 261 -15.51 -34.06 -2.38
N VAL A 262 -15.21 -34.05 -1.06
CA VAL A 262 -14.99 -35.25 -0.26
C VAL A 262 -16.23 -36.15 -0.24
N ILE A 263 -17.43 -35.58 -0.07
CA ILE A 263 -18.66 -36.36 -0.06
C ILE A 263 -18.89 -37.02 -1.41
N GLU A 264 -18.66 -36.28 -2.49
CA GLU A 264 -18.85 -36.81 -3.84
C GLU A 264 -17.97 -38.04 -4.09
N LYS A 265 -16.71 -38.03 -3.67
CA LYS A 265 -15.81 -39.17 -3.87
C LYS A 265 -15.72 -40.15 -2.69
N ALA A 266 -16.53 -39.99 -1.64
CA ALA A 266 -16.47 -40.90 -0.48
C ALA A 266 -16.89 -42.31 -0.85
N ASP A 267 -16.35 -43.30 -0.10
CA ASP A 267 -16.59 -44.72 -0.32
C ASP A 267 -17.53 -45.36 0.72
N ASN A 268 -17.83 -44.67 1.83
CA ASN A 268 -18.73 -45.22 2.85
C ASN A 268 -19.51 -44.12 3.57
N ALA A 269 -20.53 -44.49 4.36
CA ALA A 269 -21.39 -43.58 5.10
C ALA A 269 -20.65 -42.80 6.19
N ALA A 270 -19.62 -43.41 6.80
CA ALA A 270 -18.86 -42.74 7.85
C ALA A 270 -18.05 -41.56 7.30
N GLN A 271 -17.54 -41.70 6.07
CA GLN A 271 -16.80 -40.63 5.42
C GLN A 271 -17.72 -39.49 5.06
N VAL A 272 -18.93 -39.80 4.56
CA VAL A 272 -19.91 -38.77 4.23
C VAL A 272 -20.34 -38.03 5.51
N LYS A 273 -20.57 -38.79 6.61
CA LYS A 273 -20.96 -38.20 7.89
C LYS A 273 -19.88 -37.24 8.40
N ASP A 274 -18.63 -37.67 8.36
CA ASP A 274 -17.52 -36.85 8.81
C ASP A 274 -17.43 -35.52 8.07
N ALA A 275 -17.54 -35.53 6.73
CA ALA A 275 -17.46 -34.30 5.95
C ALA A 275 -18.66 -33.39 6.19
N LEU A 276 -19.85 -33.97 6.36
CA LEU A 276 -21.08 -33.19 6.63
C LEU A 276 -21.01 -32.47 7.96
N THR A 277 -20.41 -33.12 8.97
CA THR A 277 -20.25 -32.53 10.29
C THR A 277 -19.35 -31.30 10.20
N LYS A 278 -18.25 -31.40 9.44
CA LYS A 278 -17.33 -30.28 9.26
C LYS A 278 -17.96 -29.16 8.41
N MET A 279 -18.84 -29.52 7.46
CA MET A 279 -19.55 -28.54 6.63
C MET A 279 -20.60 -27.78 7.45
N ARG A 280 -21.28 -28.51 8.35
CA ARG A 280 -22.33 -27.95 9.18
C ARG A 280 -21.74 -26.94 10.15
N ALA A 281 -20.60 -27.28 10.77
CA ALA A 281 -19.93 -26.37 11.69
C ALA A 281 -19.43 -25.13 10.96
N ALA A 282 -19.02 -25.25 9.68
CA ALA A 282 -18.56 -24.12 8.88
C ALA A 282 -19.72 -23.23 8.46
N ALA A 283 -20.88 -23.81 8.17
CA ALA A 283 -22.06 -23.03 7.79
C ALA A 283 -22.51 -22.16 8.97
N LEU A 284 -22.55 -22.73 10.18
CA LEU A 284 -22.90 -21.96 11.37
C LEU A 284 -21.85 -20.92 11.70
N ASP A 285 -20.58 -21.20 11.41
CA ASP A 285 -19.49 -20.27 11.64
C ASP A 285 -19.63 -19.04 10.75
N ALA A 286 -20.09 -19.23 9.51
CA ALA A 286 -20.31 -18.11 8.60
C ALA A 286 -21.61 -17.35 8.93
N GLN A 287 -22.54 -17.98 9.66
CA GLN A 287 -23.81 -17.37 10.07
C GLN A 287 -23.62 -16.43 11.27
N LYS A 288 -22.68 -16.76 12.17
CA LYS A 288 -22.39 -15.96 13.35
C LYS A 288 -21.64 -14.67 13.02
N ALA A 289 -20.86 -14.66 11.93
CA ALA A 289 -20.10 -13.49 11.53
C ALA A 289 -21.04 -12.47 10.90
N THR A 290 -21.30 -11.36 11.60
CA THR A 290 -22.19 -10.29 11.14
C THR A 290 -21.62 -9.58 9.92
N PRO A 291 -22.39 -9.50 8.82
CA PRO A 291 -21.90 -8.81 7.61
C PRO A 291 -21.72 -7.28 7.80
N PRO A 292 -21.34 -6.47 6.77
CA PRO A 292 -21.21 -5.02 6.99
C PRO A 292 -22.56 -4.28 7.09
N LYS A 293 -23.55 -4.87 7.78
CA LYS A 293 -24.89 -4.34 8.02
C LYS A 293 -25.28 -4.61 9.49
N LEU A 294 -25.85 -3.59 10.16
CA LEU A 294 -26.26 -3.71 11.57
C LEU A 294 -27.79 -3.58 11.73
N PRO A 299 -30.18 -5.90 14.58
CA PRO A 299 -30.97 -6.68 15.53
C PRO A 299 -31.73 -7.81 14.80
N ASP A 300 -33.06 -7.64 14.61
CA ASP A 300 -33.92 -8.54 13.87
C ASP A 300 -34.66 -7.66 12.89
N SER A 301 -33.88 -7.00 12.03
CA SER A 301 -34.33 -6.10 10.98
C SER A 301 -34.77 -6.90 9.73
N PRO A 302 -35.60 -6.32 8.84
CA PRO A 302 -36.06 -7.10 7.67
C PRO A 302 -34.93 -7.73 6.86
N GLU A 303 -33.85 -6.97 6.57
CA GLU A 303 -32.71 -7.45 5.79
C GLU A 303 -31.84 -8.45 6.56
N MET A 304 -31.83 -8.36 7.89
CA MET A 304 -31.05 -9.23 8.75
C MET A 304 -31.63 -10.64 8.80
N LYS A 305 -32.96 -10.76 8.76
CA LYS A 305 -33.60 -12.08 8.78
C LYS A 305 -33.36 -12.84 7.48
N ASP A 306 -33.29 -12.14 6.35
CA ASP A 306 -33.04 -12.78 5.06
C ASP A 306 -31.64 -13.39 5.00
N PHE A 307 -30.66 -12.78 5.70
CA PHE A 307 -29.32 -13.32 5.73
C PHE A 307 -29.33 -14.65 6.50
N ARG A 308 -29.93 -14.66 7.69
CA ARG A 308 -29.96 -15.86 8.50
C ARG A 308 -30.84 -16.93 7.88
N HIS A 309 -31.88 -16.55 7.13
CA HIS A 309 -32.74 -17.53 6.47
C HIS A 309 -32.04 -18.24 5.31
N GLY A 310 -31.15 -17.54 4.63
CA GLY A 310 -30.36 -18.14 3.56
C GLY A 310 -29.48 -19.25 4.09
N PHE A 311 -28.87 -19.02 5.23
CA PHE A 311 -28.03 -20.01 5.89
C PHE A 311 -28.84 -21.18 6.45
N ASP A 312 -30.06 -20.89 6.93
CA ASP A 312 -30.96 -21.92 7.47
C ASP A 312 -31.35 -22.94 6.42
N ILE A 313 -31.48 -22.51 5.16
CA ILE A 313 -31.78 -23.43 4.07
C ILE A 313 -30.61 -24.40 3.88
N LEU A 314 -29.39 -23.86 3.87
CA LEU A 314 -28.15 -24.61 3.71
C LEU A 314 -27.89 -25.59 4.86
N VAL A 315 -28.05 -25.12 6.10
CA VAL A 315 -27.87 -25.96 7.28
C VAL A 315 -28.90 -27.10 7.31
N GLY A 316 -30.13 -26.80 6.89
CA GLY A 316 -31.20 -27.79 6.83
C GLY A 316 -30.87 -28.90 5.85
N GLN A 317 -30.32 -28.53 4.69
CA GLN A 317 -29.95 -29.52 3.68
C GLN A 317 -28.77 -30.39 4.12
N ILE A 318 -27.88 -29.84 4.95
CA ILE A 318 -26.76 -30.58 5.51
C ILE A 318 -27.32 -31.56 6.54
N ASP A 319 -28.28 -31.15 7.39
CA ASP A 319 -28.92 -32.02 8.38
C ASP A 319 -29.67 -33.18 7.70
N ASP A 320 -30.31 -32.90 6.57
CA ASP A 320 -31.05 -33.91 5.81
C ASP A 320 -30.09 -35.01 5.33
N ALA A 321 -28.94 -34.62 4.80
CA ALA A 321 -27.94 -35.58 4.33
C ALA A 321 -27.26 -36.29 5.50
N LEU A 322 -27.09 -35.59 6.63
CA LEU A 322 -26.50 -36.11 7.86
C LEU A 322 -27.35 -37.22 8.46
N LYS A 323 -28.69 -37.10 8.36
CA LYS A 323 -29.55 -38.15 8.88
C LYS A 323 -29.53 -39.39 7.98
N LEU A 324 -29.37 -39.21 6.66
CA LEU A 324 -29.25 -40.34 5.74
C LEU A 324 -27.92 -41.05 5.96
N ALA A 325 -26.84 -40.29 6.20
CA ALA A 325 -25.54 -40.84 6.47
C ALA A 325 -25.57 -41.69 7.74
N ASN A 326 -26.22 -41.19 8.81
CA ASN A 326 -26.34 -41.93 10.07
C ASN A 326 -27.10 -43.24 9.92
N GLU A 327 -28.05 -43.30 8.99
CA GLU A 327 -28.77 -44.54 8.71
C GLU A 327 -28.04 -45.47 7.72
N GLY A 328 -26.80 -45.14 7.36
CA GLY A 328 -25.98 -45.92 6.47
C GLY A 328 -26.38 -45.86 5.01
N LYS A 329 -27.18 -44.86 4.62
CA LYS A 329 -27.61 -44.72 3.24
C LYS A 329 -26.69 -43.75 2.50
N VAL A 330 -25.53 -44.27 2.06
CA VAL A 330 -24.46 -43.53 1.42
C VAL A 330 -24.90 -42.88 0.10
N LYS A 331 -25.46 -43.66 -0.84
CA LYS A 331 -25.91 -43.12 -2.13
C LYS A 331 -26.94 -42.00 -1.95
N GLU A 332 -27.90 -42.22 -1.06
CA GLU A 332 -28.93 -41.22 -0.79
C GLU A 332 -28.35 -40.01 -0.10
N ALA A 333 -27.34 -40.19 0.77
CA ALA A 333 -26.69 -39.08 1.44
C ALA A 333 -25.87 -38.23 0.46
N GLN A 334 -25.18 -38.89 -0.49
CA GLN A 334 -24.40 -38.17 -1.49
C GLN A 334 -25.32 -37.37 -2.41
N ALA A 335 -26.48 -37.95 -2.77
CA ALA A 335 -27.46 -37.26 -3.63
C ALA A 335 -28.07 -36.08 -2.87
N ALA A 336 -28.35 -36.24 -1.57
CA ALA A 336 -28.87 -35.16 -0.73
C ALA A 336 -27.85 -34.04 -0.57
N ALA A 337 -26.57 -34.39 -0.45
CA ALA A 337 -25.51 -33.40 -0.32
C ALA A 337 -25.38 -32.57 -1.59
N GLU A 338 -25.57 -33.20 -2.76
CA GLU A 338 -25.49 -32.52 -4.04
C GLU A 338 -26.61 -31.51 -4.26
N GLN A 339 -27.61 -31.43 -3.36
CA GLN A 339 -28.65 -30.41 -3.47
C GLN A 339 -28.05 -29.01 -3.36
N LEU A 340 -26.97 -28.84 -2.60
CA LEU A 340 -26.27 -27.57 -2.44
C LEU A 340 -25.74 -27.00 -3.77
N LYS A 341 -25.61 -27.85 -4.81
CA LYS A 341 -25.14 -27.47 -6.15
C LYS A 341 -26.25 -26.93 -7.09
N THR A 342 -27.53 -27.10 -6.71
CA THR A 342 -28.68 -26.67 -7.51
C THR A 342 -28.65 -25.15 -7.78
N THR A 343 -29.38 -24.68 -8.79
CA THR A 343 -29.49 -23.25 -9.09
C THR A 343 -30.11 -22.49 -7.91
N ARG A 344 -31.06 -23.14 -7.19
CA ARG A 344 -31.73 -22.57 -6.02
C ARG A 344 -30.68 -22.24 -4.94
N ASN A 345 -29.81 -23.21 -4.65
CA ASN A 345 -28.76 -23.03 -3.65
C ASN A 345 -27.53 -22.26 -4.15
N ALA A 346 -27.38 -22.13 -5.46
CA ALA A 346 -26.31 -21.34 -6.05
C ALA A 346 -26.64 -19.87 -5.84
N TYR A 347 -27.94 -19.46 -6.00
CA TYR A 347 -28.27 -18.06 -5.74
C TYR A 347 -28.31 -17.74 -4.23
N ILE A 348 -28.52 -18.75 -3.37
CA ILE A 348 -28.41 -18.56 -1.92
C ILE A 348 -26.95 -18.21 -1.60
N GLN A 349 -25.98 -18.93 -2.20
CA GLN A 349 -24.55 -18.68 -2.03
C GLN A 349 -24.19 -17.29 -2.52
N LYS A 350 -24.70 -16.89 -3.69
CA LYS A 350 -24.43 -15.57 -4.24
C LYS A 350 -24.99 -14.48 -3.35
N TYR A 351 -26.19 -14.68 -2.81
CA TYR A 351 -26.81 -13.71 -1.93
C TYR A 351 -25.99 -13.56 -0.65
N LEU A 352 -25.57 -14.67 -0.06
CA LEU A 352 -24.81 -14.64 1.20
C LEU A 352 -23.39 -14.13 1.03
N GLU A 353 -22.70 -14.53 -0.05
CA GLU A 353 -21.35 -14.03 -0.31
C GLU A 353 -21.39 -12.55 -0.76
N ARG A 354 -22.53 -12.10 -1.31
CA ARG A 354 -22.74 -10.71 -1.70
C ARG A 354 -22.99 -9.90 -0.43
N ILE A 355 -23.84 -10.41 0.47
CA ILE A 355 -24.14 -9.78 1.75
C ILE A 355 -22.86 -9.58 2.58
N GLU A 356 -21.92 -10.52 2.51
CA GLU A 356 -20.65 -10.39 3.24
C GLU A 356 -19.64 -9.41 2.61
N GLY A 357 -19.85 -9.05 1.34
CA GLY A 357 -18.97 -8.16 0.60
C GLY A 357 -17.65 -8.87 0.37
N LEU A 358 -17.72 -10.14 -0.04
CA LEU A 358 -16.52 -10.95 -0.23
C LEU A 358 -15.62 -10.45 -1.35
N ARG A 359 -16.09 -10.40 -2.62
CA ARG A 359 -15.23 -9.93 -3.72
C ARG A 359 -14.78 -8.48 -3.53
N LYS A 360 -15.65 -7.65 -2.91
CA LYS A 360 -15.36 -6.24 -2.66
C LYS A 360 -14.29 -6.04 -1.58
N ARG A 361 -14.19 -6.96 -0.62
CA ARG A 361 -13.16 -6.89 0.41
C ARG A 361 -11.85 -7.52 -0.06
N ARG A 362 -11.91 -8.47 -1.00
CA ARG A 362 -10.71 -9.08 -1.57
C ARG A 362 -9.98 -8.00 -2.38
N ARG A 363 -10.72 -7.19 -3.18
CA ARG A 363 -10.18 -6.08 -3.98
C ARG A 363 -9.52 -5.03 -3.11
N LEU A 364 -10.12 -4.76 -1.94
CA LEU A 364 -9.62 -3.82 -0.93
C LEU A 364 -8.30 -4.32 -0.31
N LEU A 365 -8.20 -5.62 0.00
CA LEU A 365 -6.97 -6.18 0.55
C LEU A 365 -5.86 -6.12 -0.48
N SER A 366 -6.19 -6.43 -1.75
CA SER A 366 -5.28 -6.39 -2.90
C SER A 366 -4.69 -5.01 -3.07
N ILE A 367 -5.50 -3.95 -2.87
CA ILE A 367 -5.06 -2.58 -2.97
C ILE A 367 -3.96 -2.32 -1.95
N ILE A 368 -4.12 -2.82 -0.72
CA ILE A 368 -3.12 -2.66 0.31
C ILE A 368 -1.80 -3.30 -0.09
N VAL A 369 -1.84 -4.57 -0.50
CA VAL A 369 -0.64 -5.31 -0.89
C VAL A 369 0.16 -4.63 -1.99
N VAL A 370 -0.51 -4.16 -3.04
CA VAL A 370 0.17 -3.47 -4.13
C VAL A 370 0.79 -2.12 -3.65
N LEU A 371 0.18 -1.44 -2.66
CA LEU A 371 0.78 -0.20 -2.12
C LEU A 371 2.04 -0.51 -1.31
N VAL A 372 1.91 -1.46 -0.36
CA VAL A 372 2.96 -1.95 0.53
C VAL A 372 4.17 -2.40 -0.26
N VAL A 373 3.98 -3.30 -1.25
CA VAL A 373 5.01 -3.87 -2.10
C VAL A 373 5.63 -2.85 -3.03
N THR A 374 4.84 -2.06 -3.81
CA THR A 374 5.41 -1.01 -4.70
C THR A 374 6.32 -0.07 -3.90
N PHE A 375 5.88 0.29 -2.68
CA PHE A 375 6.67 1.15 -1.81
C PHE A 375 7.94 0.44 -1.29
N ALA A 376 7.82 -0.80 -0.78
CA ALA A 376 8.97 -1.53 -0.26
C ALA A 376 10.00 -1.77 -1.33
N LEU A 377 9.58 -2.03 -2.55
CA LEU A 377 10.48 -2.28 -3.66
C LEU A 377 11.13 -1.02 -4.16
N CYS A 378 10.43 0.11 -4.12
CA CYS A 378 10.97 1.36 -4.63
C CYS A 378 11.93 2.05 -3.68
N TRP A 379 11.60 2.07 -2.39
CA TRP A 379 12.39 2.79 -1.42
C TRP A 379 13.49 2.00 -0.70
N MET A 380 13.41 0.66 -0.63
CA MET A 380 14.46 -0.14 0.04
C MET A 380 15.89 0.20 -0.44
N PRO A 381 16.22 0.21 -1.77
CA PRO A 381 17.59 0.56 -2.16
C PRO A 381 18.07 1.91 -1.62
N TYR A 382 17.25 2.96 -1.71
CA TYR A 382 17.61 4.29 -1.21
C TYR A 382 17.94 4.23 0.27
N HIS A 383 17.05 3.63 1.07
CA HIS A 383 17.19 3.55 2.52
C HIS A 383 18.26 2.57 3.01
N LEU A 384 18.57 1.56 2.23
CA LEU A 384 19.60 0.59 2.55
C LEU A 384 20.98 1.22 2.32
N VAL A 385 21.16 1.89 1.18
CA VAL A 385 22.42 2.52 0.80
C VAL A 385 22.70 3.78 1.60
N LYS A 386 21.66 4.51 2.03
CA LYS A 386 21.89 5.70 2.85
C LYS A 386 22.33 5.22 4.25
N THR A 387 21.67 4.18 4.80
CA THR A 387 22.00 3.61 6.11
C THR A 387 23.37 2.90 6.10
N LEU A 388 23.73 2.26 4.98
CA LEU A 388 25.01 1.60 4.85
C LEU A 388 26.13 2.63 4.76
N TYR A 389 25.92 3.74 4.03
CA TYR A 389 26.91 4.82 3.90
C TYR A 389 27.10 5.54 5.25
N MET A 390 26.00 5.69 6.01
CA MET A 390 25.97 6.27 7.35
C MET A 390 26.94 5.51 8.25
N LEU A 391 26.99 4.16 8.13
CA LEU A 391 27.85 3.24 8.88
C LEU A 391 29.27 3.09 8.31
N GLY A 392 29.43 3.25 7.00
CA GLY A 392 30.72 3.18 6.32
C GLY A 392 31.64 4.31 6.73
N SER A 393 31.06 5.49 6.93
CA SER A 393 31.80 6.65 7.37
C SER A 393 32.01 6.59 8.89
N LEU A 394 30.95 6.22 9.67
CA LEU A 394 30.99 6.06 11.14
C LEU A 394 31.97 4.91 11.55
N LEU A 395 31.58 3.63 11.45
CA LEU A 395 32.51 2.53 11.71
C LEU A 395 33.22 2.42 10.38
N HIS A 396 34.47 2.91 10.29
CA HIS A 396 35.18 2.99 9.01
C HIS A 396 35.36 1.68 8.24
N TRP A 397 34.90 1.74 6.99
CA TRP A 397 34.95 0.68 5.99
C TRP A 397 35.95 1.05 4.88
N PRO A 398 36.40 0.09 4.04
CA PRO A 398 37.38 0.44 3.00
C PRO A 398 36.83 1.41 1.96
N CYS A 399 37.71 2.21 1.32
CA CYS A 399 37.26 3.13 0.26
C CYS A 399 36.65 2.37 -0.94
N ASP A 400 37.01 1.08 -1.12
CA ASP A 400 36.44 0.20 -2.16
C ASP A 400 34.91 0.11 -1.92
N PHE A 401 34.50 -0.05 -0.66
CA PHE A 401 33.10 -0.13 -0.29
C PHE A 401 32.47 1.23 -0.05
N ASP A 402 33.25 2.24 0.35
CA ASP A 402 32.71 3.59 0.56
C ASP A 402 32.37 4.20 -0.81
N LEU A 403 33.28 4.04 -1.77
CA LEU A 403 33.09 4.55 -3.12
C LEU A 403 32.07 3.76 -3.92
N PHE A 404 31.83 2.47 -3.57
CA PHE A 404 30.77 1.71 -4.21
C PHE A 404 29.42 2.36 -3.81
N LEU A 405 29.10 2.42 -2.51
CA LEU A 405 27.85 2.99 -2.00
C LEU A 405 27.57 4.37 -2.55
N MET A 406 28.62 5.17 -2.70
CA MET A 406 28.51 6.53 -3.22
C MET A 406 28.06 6.59 -4.68
N ASN A 407 28.57 5.68 -5.53
CA ASN A 407 28.26 5.67 -6.95
C ASN A 407 27.00 4.92 -7.31
N ILE A 408 26.58 3.97 -6.47
CA ILE A 408 25.33 3.27 -6.68
C ILE A 408 24.16 4.13 -6.12
N PHE A 409 24.42 5.10 -5.21
CA PHE A 409 23.39 5.96 -4.63
C PHE A 409 22.55 6.76 -5.65
N PRO A 410 23.09 7.37 -6.75
CA PRO A 410 22.22 8.08 -7.69
C PRO A 410 21.29 7.15 -8.48
N TYR A 411 21.61 5.84 -8.55
CA TYR A 411 20.73 4.85 -9.18
C TYR A 411 19.57 4.51 -8.24
N CYS A 412 19.82 4.55 -6.89
CA CYS A 412 18.85 4.33 -5.81
C CYS A 412 17.77 5.40 -5.79
N THR A 413 18.11 6.64 -6.20
CA THR A 413 17.18 7.75 -6.24
C THR A 413 16.23 7.63 -7.47
N CYS A 414 16.64 6.91 -8.53
CA CYS A 414 15.81 6.68 -9.72
C CYS A 414 14.76 5.65 -9.42
N ILE A 415 15.17 4.51 -8.83
CA ILE A 415 14.25 3.43 -8.49
C ILE A 415 13.22 3.90 -7.41
N ALA A 416 13.60 4.86 -6.53
CA ALA A 416 12.71 5.44 -5.54
C ALA A 416 11.74 6.40 -6.23
N TYR A 417 12.26 7.21 -7.18
CA TYR A 417 11.45 8.13 -8.01
C TYR A 417 10.43 7.39 -8.85
N VAL A 418 10.74 6.16 -9.21
CA VAL A 418 9.90 5.29 -9.99
C VAL A 418 8.54 5.11 -9.32
N ASN A 419 8.48 5.10 -7.98
CA ASN A 419 7.22 5.02 -7.26
C ASN A 419 6.26 6.17 -7.66
N SER A 420 6.73 7.43 -7.64
CA SER A 420 5.89 8.58 -7.96
C SER A 420 5.11 8.45 -9.29
N CYS A 421 5.79 8.13 -10.40
CA CYS A 421 5.13 8.03 -11.70
C CYS A 421 4.45 6.69 -11.96
N LEU A 422 4.63 5.72 -11.08
CA LEU A 422 3.94 4.44 -11.21
C LEU A 422 2.52 4.51 -10.67
N ASN A 423 2.33 5.29 -9.59
CA ASN A 423 1.06 5.53 -8.91
C ASN A 423 -0.09 5.89 -9.84
N PRO A 424 0.01 6.86 -10.79
CA PRO A 424 -1.16 7.14 -11.65
C PRO A 424 -1.75 5.92 -12.38
N PHE A 425 -0.91 4.89 -12.70
CA PHE A 425 -1.31 3.65 -13.34
C PHE A 425 -1.95 2.67 -12.35
N LEU A 426 -1.49 2.66 -11.09
CA LEU A 426 -2.09 1.80 -10.06
C LEU A 426 -3.49 2.31 -9.71
N TYR A 427 -3.74 3.63 -9.79
CA TYR A 427 -5.05 4.24 -9.59
C TYR A 427 -5.94 3.86 -10.78
N ALA A 428 -5.39 3.96 -12.01
CA ALA A 428 -6.06 3.56 -13.24
C ALA A 428 -6.37 2.07 -13.25
N PHE A 429 -5.60 1.24 -12.55
CA PHE A 429 -5.84 -0.19 -12.49
C PHE A 429 -6.99 -0.48 -11.55
N PHE A 430 -6.84 -0.12 -10.27
CA PHE A 430 -7.77 -0.45 -9.22
C PHE A 430 -9.08 0.34 -9.20
N ASP A 431 -9.09 1.59 -9.70
CA ASP A 431 -10.33 2.36 -9.68
C ASP A 431 -10.91 2.51 -11.06
N PRO A 432 -12.01 1.76 -11.34
CA PRO A 432 -12.67 1.89 -12.65
C PRO A 432 -13.38 3.23 -12.84
N ARG A 433 -13.52 4.04 -11.76
CA ARG A 433 -14.07 5.37 -11.84
C ARG A 433 -13.02 6.31 -12.46
N PHE A 434 -11.71 6.11 -12.15
CA PHE A 434 -10.64 6.87 -12.80
C PHE A 434 -10.46 6.36 -14.25
N ARG A 435 -10.70 5.05 -14.50
CA ARG A 435 -10.63 4.47 -15.83
C ARG A 435 -11.71 5.12 -16.70
N GLN A 436 -12.94 5.26 -16.17
CA GLN A 436 -14.05 5.86 -16.90
C GLN A 436 -13.94 7.39 -17.01
N ALA A 437 -13.29 8.04 -16.02
CA ALA A 437 -13.08 9.49 -16.08
C ALA A 437 -11.99 9.84 -17.09
N CYS A 438 -10.97 8.99 -17.22
CA CYS A 438 -9.90 9.22 -18.17
C CYS A 438 -10.29 8.78 -19.58
N THR A 439 -11.09 7.68 -19.71
CA THR A 439 -11.51 7.19 -21.03
C THR A 439 -12.58 8.10 -21.68
N SER A 440 -13.31 8.90 -20.89
CA SER A 440 -14.30 9.85 -21.42
C SER A 440 -13.57 11.07 -22.03
N MET A 441 -12.52 11.53 -21.33
CA MET A 441 -11.66 12.64 -21.76
C MET A 441 -10.71 12.22 -22.90
N LEU A 442 -10.42 10.91 -23.03
CA LEU A 442 -9.55 10.36 -24.08
C LEU A 442 -10.15 10.58 -25.47
C08 A1D5N B . 17.77 14.40 -3.60
C09 A1D5N B . 18.18 15.85 -3.34
C10 A1D5N B . 18.34 13.83 -4.91
C11 A1D5N B . 19.21 13.31 -1.76
C12 A1D5N B . 17.07 12.89 -1.67
C13 A1D5N B . 24.77 11.23 1.40
C14 A1D5N B . 25.68 10.27 0.64
C15 A1D5N B . 24.98 9.04 0.04
C16 A1D5N B . 18.94 12.47 -0.68
C17 A1D5N B . 15.53 12.84 -1.88
C18 A1D5N B . 20.54 13.70 -2.02
C19 A1D5N B . 25.60 12.38 1.98
C20 A1D5N B . 21.26 12.43 -0.08
C21 A1D5N B . 19.96 12.01 0.17
C22 A1D5N B . 17.25 16.50 -2.28
C23 A1D5N B . 17.40 14.08 -6.13
C24 A1D5N B . 21.55 13.26 -1.16
C25 A1D5N B . 22.37 11.85 0.89
C26 A1D5N B . 26.02 8.14 -0.68
C27 A1D5N B . 24.18 8.26 1.09
C28 A1D5N B . 15.24 11.98 -3.12
C29 A1D5N B . 24.84 13.44 2.80
C30 A1D5N B . 15.18 12.45 -4.43
C31 A1D5N B . 14.92 11.39 -5.35
C32 A1D5N B . 14.74 10.11 -4.81
N05 A1D5N B . 18.02 13.52 -2.39
N06 A1D5N B . 17.62 12.24 -0.65
N07 A1D5N B . 23.77 11.78 0.46
O02 A1D5N B . 22.05 11.42 1.95
O03 A1D5N B . 24.37 13.14 3.95
O04 A1D5N B . 24.69 14.61 2.31
S01 A1D5N B . 14.97 10.31 -3.16
C1 OLA C . 20.65 14.88 2.57
O1 OLA C . 21.89 14.89 2.34
O2 OLA C . 19.90 15.76 2.08
C2 OLA C . 20.06 13.76 3.41
C3 OLA C . 20.46 13.94 4.87
C4 OLA C . 19.34 13.52 5.80
C5 OLA C . 18.14 14.45 5.67
C6 OLA C . 17.70 14.97 7.03
C7 OLA C . 16.34 15.63 6.91
C8 OLA C . 15.68 15.78 8.26
C9 OLA C . 15.11 14.46 8.70
C10 OLA C . 14.83 14.19 9.97
C11 OLA C . 15.02 15.18 11.11
C12 OLA C . 13.90 15.04 12.14
C13 OLA C . 13.96 16.16 13.18
C14 OLA C . 13.67 17.51 12.51
C15 OLA C . 13.14 18.55 13.50
C16 OLA C . 12.13 19.49 12.80
C17 OLA C . 12.54 20.96 12.82
C18 OLA C . 11.69 21.74 13.80
C1 OLA D . -8.86 8.14 8.17
O1 OLA D . -9.67 8.36 7.23
O2 OLA D . -9.20 8.15 9.40
C2 OLA D . -7.40 7.84 7.83
C3 OLA D . -6.46 8.51 8.84
C4 OLA D . -5.01 8.15 8.55
C5 OLA D . -4.27 7.91 9.85
C6 OLA D . -2.98 7.12 9.66
C7 OLA D . -1.87 7.94 8.99
C8 OLA D . -0.48 7.43 9.40
C9 OLA D . 0.55 8.33 8.74
C10 OLA D . 1.83 8.48 9.11
C11 OLA D . 2.49 7.74 10.24
C12 OLA D . 3.98 8.04 10.20
C13 OLA D . 4.24 9.50 10.55
C14 OLA D . 5.34 9.63 11.61
C10 OLA E . -2.25 -9.25 -5.40
C11 OLA E . -0.75 -9.44 -5.31
C12 OLA E . -0.02 -8.10 -5.44
C13 OLA E . 1.48 -8.21 -5.20
C14 OLA E . 2.22 -6.87 -5.35
C15 OLA E . 2.13 -6.34 -6.78
C16 OLA E . 3.32 -5.45 -7.15
C17 OLA E . 3.39 -5.21 -8.67
C10 OLA F . -3.97 -8.17 -8.13
C11 OLA F . -3.10 -6.92 -8.14
C12 OLA F . -1.81 -7.19 -8.93
C13 OLA F . -1.82 -6.48 -10.30
C14 OLA F . -1.23 -5.06 -10.23
C15 OLA F . -1.34 -4.27 -11.54
C16 OLA F . -0.86 -2.84 -11.34
C17 OLA F . -0.27 -2.18 -12.58
C11 OLA G . 24.73 15.92 19.19
C12 OLA G . 24.19 15.91 17.76
C13 OLA G . 22.68 15.64 17.71
C14 OLA G . 22.19 15.54 16.27
C15 OLA G . 20.71 15.22 16.19
C16 OLA G . 20.12 15.47 14.81
C17 OLA G . 18.59 15.67 14.85
C18 OLA G . 17.83 14.47 15.36
C11 OLA H . 3.22 22.48 -2.39
C12 OLA H . 2.43 21.64 -1.39
C13 OLA H . 1.31 22.43 -0.67
C14 OLA H . 0.40 21.59 0.25
C15 OLA H . -0.72 20.89 -0.52
C16 OLA H . -1.65 20.01 0.35
C17 OLA H . -2.41 18.93 -0.44
OH2 1PE I . -1.66 8.99 -7.79
C12 1PE I . -2.56 8.28 -6.95
C22 1PE I . -2.34 6.78 -6.95
OH3 1PE I . -3.33 6.11 -6.17
C13 1PE I . -4.31 4.05 -5.41
C23 1PE I . -3.23 4.68 -6.24
#